data_6KBR
#
_entry.id   6KBR
#
_cell.length_a   145.208
_cell.length_b   41.620
_cell.length_c   43.590
_cell.angle_alpha   90.00
_cell.angle_beta   91.58
_cell.angle_gamma   90.00
#
_symmetry.space_group_name_H-M   'C 1 2 1'
#
loop_
_entity.id
_entity.type
_entity.pdbx_description
1 polymer Kallikrein-4
2 polymer K41043
3 non-polymer GLYCEROL
4 water water
#
loop_
_entity_poly.entity_id
_entity_poly.type
_entity_poly.pdbx_seq_one_letter_code
_entity_poly.pdbx_strand_id
1 'polypeptide(L)'
;MATAGNPWGWFLGYLILGVAGSLVSGSCSQIINGEDCSPHSQPWQAALVMENELFCSGVLVHPQWVLSAAHCFQNSYTIG
LGLHSLEADQEPGSQMVEASLSVRHPEYNRPLLANDLMLIKLDESVSESDTIRSISIASQCPTAGNSCLVSGWGLLANGR
MPTVLQCVNVSVVSEEVCSKLYDPLYHPSMFCAGGGHDQKDSCNGDSGGPLICNGYLQGLVSFGKAPCGQVGVPGVYTNL
CKFTEWIEKTVQAS
;
A
2 'polypeptide(L)' PQFGLFSKYRTPNCRRYSIHGCNRMYAPVCGSDMSTYANECTLCMKIREGGHNIKIIKNGPCGAS C
#
loop_
_chem_comp.id
_chem_comp.type
_chem_comp.name
_chem_comp.formula
GOL non-polymer GLYCEROL 'C3 H8 O3'
#
# COMPACT_ATOMS: atom_id res chain seq x y z
N ILE A 31 1.86 5.60 -7.13
CA ILE A 31 3.34 5.55 -7.30
C ILE A 31 3.75 6.89 -7.90
N ILE A 32 4.71 7.55 -7.24
CA ILE A 32 5.19 8.89 -7.60
C ILE A 32 6.48 8.75 -8.39
N ASN A 33 6.50 9.38 -9.55
CA ASN A 33 7.66 9.45 -10.46
C ASN A 33 8.18 8.08 -10.89
N GLY A 34 7.27 7.14 -11.03
CA GLY A 34 7.54 5.87 -11.60
C GLY A 34 7.20 5.87 -13.06
N GLU A 35 6.97 4.70 -13.61
CA GLU A 35 6.54 4.53 -15.02
C GLU A 35 5.65 3.30 -15.12
N ASP A 36 5.03 3.08 -16.30
CA ASP A 36 4.27 1.86 -16.57
C ASP A 36 5.17 0.68 -16.30
N CYS A 37 4.72 -0.32 -15.53
CA CYS A 37 5.44 -1.58 -15.41
C CYS A 37 5.30 -2.18 -16.80
N SER A 38 6.26 -2.98 -17.18
CA SER A 38 6.08 -3.81 -18.34
C SER A 38 4.85 -4.71 -18.06
N PRO A 39 3.97 -4.91 -19.08
CA PRO A 39 2.71 -5.61 -18.85
C PRO A 39 2.91 -7.00 -18.23
N HIS A 40 2.27 -7.24 -17.07
CA HIS A 40 2.37 -8.57 -16.40
C HIS A 40 3.74 -8.94 -15.85
N SER A 41 4.62 -7.96 -15.70
CA SER A 41 5.94 -8.16 -15.10
C SER A 41 5.87 -8.31 -13.58
N GLN A 42 4.73 -7.97 -12.93
CA GLN A 42 4.59 -8.13 -11.48
C GLN A 42 3.38 -9.03 -11.19
N PRO A 43 3.48 -10.33 -11.55
CA PRO A 43 2.29 -11.17 -11.65
C PRO A 43 1.68 -11.61 -10.30
N TRP A 44 2.38 -11.29 -9.22
CA TRP A 44 1.92 -11.47 -7.84
C TRP A 44 0.99 -10.32 -7.42
N GLN A 45 0.90 -9.27 -8.23
CA GLN A 45 0.14 -8.07 -7.85
C GLN A 45 -1.34 -8.38 -7.76
N ALA A 46 -2.00 -7.93 -6.70
CA ALA A 46 -3.44 -8.14 -6.50
C ALA A 46 -4.10 -6.78 -6.28
N ALA A 47 -5.19 -6.51 -7.01
CA ALA A 47 -5.95 -5.27 -6.88
C ALA A 47 -7.07 -5.54 -5.91
N LEU A 48 -7.13 -4.80 -4.83
CA LEU A 48 -8.30 -4.93 -3.90
C LEU A 48 -9.28 -3.81 -4.31
N VAL A 49 -10.47 -4.20 -4.73
CA VAL A 49 -11.45 -3.31 -5.30
C VAL A 49 -12.80 -3.51 -4.56
N MET A 50 -13.58 -2.45 -4.44
CA MET A 50 -14.99 -2.52 -4.00
C MET A 50 -15.68 -1.32 -4.60
N GLU A 51 -16.95 -1.48 -4.94
CA GLU A 51 -17.70 -0.45 -5.68
C GLU A 51 -16.91 -0.02 -6.95
N ASN A 52 -16.30 -0.98 -7.66
CA ASN A 52 -15.47 -0.68 -8.84
C ASN A 52 -14.34 0.40 -8.65
N GLU A 53 -13.89 0.57 -7.39
CA GLU A 53 -12.83 1.55 -6.99
C GLU A 53 -11.73 0.75 -6.19
N LEU A 54 -10.50 0.79 -6.70
CA LEU A 54 -9.35 0.28 -6.03
C LEU A 54 -9.03 1.08 -4.73
N PHE A 55 -8.89 0.37 -3.60
CA PHE A 55 -8.55 1.02 -2.32
C PHE A 55 -7.16 0.63 -1.79
N CYS A 56 -6.71 -0.58 -2.17
CA CYS A 56 -5.42 -1.10 -1.79
C CYS A 56 -4.99 -2.13 -2.84
N SER A 57 -3.74 -2.53 -2.74
CA SER A 57 -3.26 -3.76 -3.38
C SER A 57 -3.00 -4.86 -2.34
N GLY A 58 -2.61 -6.00 -2.86
CA GLY A 58 -2.08 -7.13 -2.04
C GLY A 58 -1.06 -7.83 -2.92
N VAL A 59 -0.46 -8.85 -2.35
CA VAL A 59 0.53 -9.64 -2.99
C VAL A 59 0.20 -11.11 -2.85
N LEU A 60 0.06 -11.76 -4.00
CA LEU A 60 -0.13 -13.19 -4.04
C LEU A 60 1.19 -13.92 -3.55
N VAL A 61 1.10 -14.62 -2.40
CA VAL A 61 2.22 -15.29 -1.75
C VAL A 61 2.14 -16.82 -1.79
N HIS A 62 0.94 -17.36 -2.02
CA HIS A 62 0.67 -18.78 -2.29
C HIS A 62 -0.56 -18.82 -3.19
N PRO A 63 -0.82 -19.96 -3.84
CA PRO A 63 -1.93 -19.96 -4.75
C PRO A 63 -3.27 -19.58 -4.03
N GLN A 64 -3.38 -19.82 -2.74
CA GLN A 64 -4.57 -19.45 -1.99
C GLN A 64 -4.45 -18.31 -0.99
N TRP A 65 -3.35 -17.57 -1.00
CA TRP A 65 -3.15 -16.58 0.04
C TRP A 65 -2.62 -15.30 -0.55
N VAL A 66 -3.24 -14.24 -0.13
CA VAL A 66 -2.85 -12.86 -0.52
C VAL A 66 -2.45 -12.13 0.76
N LEU A 67 -1.27 -11.53 0.74
CA LEU A 67 -0.76 -10.74 1.85
C LEU A 67 -1.12 -9.29 1.56
N SER A 68 -1.61 -8.55 2.57
CA SER A 68 -1.85 -7.12 2.39
C SER A 68 -1.62 -6.38 3.72
N ALA A 69 -1.73 -5.04 3.72
CA ALA A 69 -1.64 -4.27 4.93
C ALA A 69 -2.93 -4.55 5.75
N ALA A 70 -2.80 -4.63 7.07
CA ALA A 70 -3.97 -4.80 7.96
C ALA A 70 -4.94 -3.64 7.88
N HIS A 71 -4.47 -2.44 7.57
CA HIS A 71 -5.44 -1.33 7.38
C HIS A 71 -6.36 -1.40 6.14
N CYS A 72 -6.07 -2.32 5.22
CA CYS A 72 -6.92 -2.62 4.07
C CYS A 72 -8.01 -3.65 4.37
N PHE A 73 -8.16 -4.01 5.65
CA PHE A 73 -9.06 -5.08 6.08
C PHE A 73 -10.46 -4.81 5.59
N GLN A 74 -11.11 -5.83 5.09
CA GLN A 74 -12.57 -5.82 4.82
C GLN A 74 -13.18 -7.18 5.20
N ASN A 75 -14.49 -7.20 5.43
CA ASN A 75 -15.16 -8.47 5.80
C ASN A 75 -15.20 -9.51 4.69
N SER A 76 -15.10 -9.04 3.46
CA SER A 76 -15.00 -9.91 2.32
C SER A 76 -14.31 -9.11 1.18
N TYR A 77 -13.75 -9.82 0.19
CA TYR A 77 -12.94 -9.16 -0.85
C TYR A 77 -13.28 -9.65 -2.24
N THR A 78 -13.17 -8.72 -3.18
CA THR A 78 -13.09 -8.99 -4.62
C THR A 78 -11.74 -8.56 -5.09
N ILE A 79 -10.92 -9.53 -5.54
CA ILE A 79 -9.46 -9.30 -5.82
C ILE A 79 -9.16 -9.63 -7.27
N GLY A 80 -8.54 -8.67 -7.95
CA GLY A 80 -8.22 -8.80 -9.36
C GLY A 80 -6.80 -9.27 -9.48
N LEU A 81 -6.63 -10.43 -10.11
CA LEU A 81 -5.34 -11.02 -10.40
C LEU A 81 -5.02 -11.01 -11.89
N GLY A 82 -3.73 -10.87 -12.22
CA GLY A 82 -3.28 -10.82 -13.60
C GLY A 82 -3.67 -9.57 -14.36
N LEU A 83 -3.85 -8.47 -13.64
CA LEU A 83 -4.25 -7.21 -14.29
C LEU A 83 -3.06 -6.35 -14.75
N HIS A 84 -3.34 -5.44 -15.63
CA HIS A 84 -2.42 -4.38 -15.99
C HIS A 84 -3.17 -3.06 -15.98
N SER A 85 -4.09 -2.83 -16.93
CA SER A 85 -5.21 -1.95 -16.64
C SER A 85 -6.06 -2.67 -15.54
N LEU A 86 -6.87 -1.92 -14.82
CA LEU A 86 -7.88 -2.51 -13.90
C LEU A 86 -9.19 -3.00 -14.57
N GLU A 87 -9.20 -3.16 -15.88
CA GLU A 87 -10.43 -3.59 -16.57
C GLU A 87 -10.24 -5.02 -17.02
N ALA A 88 -10.88 -5.91 -16.29
CA ALA A 88 -10.62 -7.34 -16.40
C ALA A 88 -10.93 -7.93 -17.78
N ASP A 89 -11.95 -7.40 -18.44
CA ASP A 89 -12.38 -7.90 -19.78
C ASP A 89 -11.44 -7.51 -20.93
N GLN A 90 -10.65 -6.46 -20.77
CA GLN A 90 -9.41 -6.32 -21.56
C GLN A 90 -8.49 -7.22 -20.69
N GLU A 91 -7.20 -7.33 -20.84
CA GLU A 91 -6.51 -8.29 -19.90
C GLU A 91 -6.95 -9.78 -19.96
N PRO A 92 -6.60 -10.45 -21.07
CA PRO A 92 -6.63 -11.91 -21.17
C PRO A 92 -5.80 -12.57 -20.05
N GLY A 93 -6.31 -13.63 -19.46
CA GLY A 93 -5.59 -14.34 -18.41
C GLY A 93 -5.91 -13.77 -17.01
N SER A 94 -6.60 -12.65 -16.94
CA SER A 94 -6.89 -12.08 -15.65
C SER A 94 -8.00 -12.87 -15.01
N GLN A 95 -8.09 -12.74 -13.68
CA GLN A 95 -9.17 -13.32 -12.90
C GLN A 95 -9.58 -12.44 -11.74
N MET A 96 -10.88 -12.30 -11.56
CA MET A 96 -11.45 -11.63 -10.40
C MET A 96 -11.90 -12.74 -9.47
N VAL A 97 -11.31 -12.78 -8.30
CA VAL A 97 -11.53 -13.89 -7.36
C VAL A 97 -12.10 -13.32 -6.07
N GLU A 98 -12.69 -14.21 -5.26
CA GLU A 98 -13.40 -13.86 -4.06
C GLU A 98 -12.64 -14.40 -2.88
N ALA A 99 -12.70 -13.64 -1.77
CA ALA A 99 -12.14 -14.08 -0.51
C ALA A 99 -13.00 -13.66 0.67
N SER A 100 -13.40 -14.63 1.47
CA SER A 100 -14.21 -14.33 2.64
C SER A 100 -13.41 -14.26 3.87
N LEU A 101 -12.21 -14.84 3.94
CA LEU A 101 -11.50 -15.02 5.20
C LEU A 101 -10.23 -14.21 5.20
N SER A 102 -10.02 -13.44 6.27
CA SER A 102 -8.72 -12.79 6.40
C SER A 102 -8.36 -12.68 7.88
N VAL A 103 -7.10 -12.61 8.15
CA VAL A 103 -6.68 -12.45 9.53
C VAL A 103 -5.58 -11.38 9.64
N ARG A 104 -5.84 -10.39 10.45
CA ARG A 104 -4.92 -9.31 10.68
C ARG A 104 -3.90 -9.77 11.73
N HIS A 105 -2.68 -9.29 11.65
CA HIS A 105 -1.73 -9.59 12.66
C HIS A 105 -2.29 -9.19 14.01
N PRO A 106 -2.14 -10.07 15.04
CA PRO A 106 -2.77 -9.83 16.32
C PRO A 106 -2.33 -8.56 17.06
N GLU A 107 -1.16 -8.04 16.72
CA GLU A 107 -0.67 -6.79 17.30
C GLU A 107 -0.81 -5.57 16.35
N TYR A 108 -1.63 -5.70 15.31
CA TYR A 108 -1.77 -4.59 14.36
C TYR A 108 -2.27 -3.35 15.14
N ASN A 109 -1.66 -2.22 14.84
CA ASN A 109 -2.06 -0.95 15.37
C ASN A 109 -1.72 -0.75 16.83
N ARG A 110 -0.93 -1.66 17.42
CA ARG A 110 -0.46 -1.55 18.81
C ARG A 110 1.05 -1.76 18.81
N PRO A 111 1.82 -0.68 18.78
CA PRO A 111 1.39 0.71 18.86
C PRO A 111 0.95 1.25 17.53
N LEU A 112 0.59 2.54 17.52
CA LEU A 112 -0.14 3.09 16.39
C LEU A 112 0.68 2.83 15.09
N LEU A 113 0.01 2.33 14.06
CA LEU A 113 0.56 2.07 12.68
C LEU A 113 1.49 0.84 12.53
N ALA A 114 1.73 0.15 13.64
CA ALA A 114 2.63 -0.98 13.69
C ALA A 114 1.99 -2.30 13.28
N ASN A 115 2.86 -3.22 12.87
CA ASN A 115 2.42 -4.58 12.59
C ASN A 115 1.31 -4.61 11.52
N ASP A 116 1.52 -3.83 10.47
CA ASP A 116 0.49 -3.58 9.47
C ASP A 116 0.57 -4.69 8.37
N LEU A 117 0.06 -5.85 8.73
CA LEU A 117 -0.05 -6.93 7.76
C LEU A 117 -1.24 -7.80 8.08
N MET A 118 -1.75 -8.41 7.02
CA MET A 118 -2.80 -9.34 7.14
C MET A 118 -2.73 -10.35 5.99
N LEU A 119 -3.30 -11.51 6.23
CA LEU A 119 -3.30 -12.59 5.25
C LEU A 119 -4.75 -12.85 4.86
N ILE A 120 -5.01 -12.81 3.56
CA ILE A 120 -6.32 -13.07 3.01
C ILE A 120 -6.30 -14.46 2.39
N LYS A 121 -7.22 -15.30 2.80
CA LYS A 121 -7.33 -16.63 2.22
C LYS A 121 -8.40 -16.62 1.12
N LEU A 122 -7.99 -16.91 -0.09
CA LEU A 122 -8.89 -16.89 -1.22
C LEU A 122 -9.86 -18.08 -1.05
N ASP A 123 -11.07 -17.98 -1.59
CA ASP A 123 -12.12 -19.00 -1.42
C ASP A 123 -11.75 -20.24 -2.21
N GLU A 124 -10.97 -20.04 -3.29
CA GLU A 124 -10.40 -21.11 -4.12
C GLU A 124 -8.94 -20.78 -4.41
N SER A 125 -8.08 -21.81 -4.46
CA SER A 125 -6.68 -21.65 -4.98
C SER A 125 -6.73 -21.19 -6.42
N VAL A 126 -5.93 -20.21 -6.79
CA VAL A 126 -5.94 -19.73 -8.17
C VAL A 126 -5.01 -20.62 -8.96
N SER A 127 -5.34 -20.89 -10.22
CA SER A 127 -4.41 -21.51 -11.15
C SER A 127 -3.35 -20.53 -11.57
N GLU A 128 -2.11 -20.83 -11.25
CA GLU A 128 -1.03 -19.93 -11.68
C GLU A 128 -0.74 -20.04 -13.18
N SER A 129 -0.16 -18.99 -13.72
CA SER A 129 0.03 -18.81 -15.13
C SER A 129 1.23 -17.87 -15.29
N ASP A 130 1.48 -17.49 -16.51
CA ASP A 130 2.50 -16.51 -16.79
C ASP A 130 2.13 -15.19 -16.19
N THR A 131 0.83 -14.89 -16.08
CA THR A 131 0.44 -13.55 -15.61
C THR A 131 -0.11 -13.50 -14.17
N ILE A 132 -0.24 -14.65 -13.53
CA ILE A 132 -0.63 -14.75 -12.15
C ILE A 132 0.28 -15.77 -11.47
N ARG A 133 1.19 -15.32 -10.59
CA ARG A 133 1.92 -16.29 -9.77
C ARG A 133 2.48 -15.63 -8.52
N SER A 134 2.89 -16.46 -7.60
CA SER A 134 3.27 -16.11 -6.25
C SER A 134 4.69 -15.62 -6.23
N ILE A 135 5.01 -14.95 -5.13
CA ILE A 135 6.38 -14.46 -4.94
C ILE A 135 6.82 -14.88 -3.55
N SER A 136 8.08 -15.26 -3.39
CA SER A 136 8.62 -15.64 -2.10
C SER A 136 8.87 -14.41 -1.25
N ILE A 137 8.68 -14.59 0.06
CA ILE A 137 8.87 -13.55 1.04
C ILE A 137 10.27 -13.71 1.56
N ALA A 138 10.99 -12.61 1.61
CA ALA A 138 12.29 -12.52 2.23
C ALA A 138 12.26 -12.92 3.73
N SER A 139 13.23 -13.73 4.13
CA SER A 139 13.47 -14.04 5.55
C SER A 139 14.56 -13.08 6.14
N GLN A 140 15.51 -12.59 5.32
CA GLN A 140 16.47 -11.55 5.72
C GLN A 140 15.84 -10.17 5.86
N CYS A 141 16.32 -9.41 6.82
CA CYS A 141 15.93 -8.04 7.02
C CYS A 141 16.51 -7.05 5.98
N PRO A 142 15.86 -5.89 5.77
CA PRO A 142 16.27 -5.04 4.67
C PRO A 142 17.66 -4.49 4.88
N THR A 143 18.38 -4.30 3.79
CA THR A 143 19.72 -3.77 3.89
C THR A 143 19.70 -2.30 3.40
N ALA A 144 20.16 -1.42 4.26
CA ALA A 144 20.32 -0.04 3.90
C ALA A 144 21.19 0.09 2.61
N GLY A 145 20.72 0.91 1.68
CA GLY A 145 21.34 1.05 0.41
C GLY A 145 20.87 0.11 -0.70
N ASN A 146 20.15 -0.95 -0.39
CA ASN A 146 19.54 -1.76 -1.44
C ASN A 146 18.54 -0.96 -2.26
N SER A 147 18.54 -1.17 -3.58
CA SER A 147 17.54 -0.63 -4.49
C SER A 147 16.42 -1.68 -4.61
N CYS A 148 15.19 -1.26 -4.42
CA CYS A 148 14.07 -2.15 -4.38
C CYS A 148 13.00 -1.63 -5.30
N LEU A 149 12.15 -2.51 -5.76
CA LEU A 149 11.07 -2.09 -6.67
C LEU A 149 9.73 -2.12 -5.89
N VAL A 150 8.92 -1.08 -6.11
CA VAL A 150 7.55 -1.00 -5.62
C VAL A 150 6.62 -0.74 -6.78
N SER A 151 5.46 -1.36 -6.75
CA SER A 151 4.45 -1.20 -7.78
C SER A 151 3.05 -1.02 -7.21
N GLY A 152 2.22 -0.32 -7.98
CA GLY A 152 0.82 -0.16 -7.61
C GLY A 152 0.04 0.73 -8.56
N TRP A 153 -1.26 0.84 -8.27
CA TRP A 153 -2.17 1.70 -8.99
C TRP A 153 -2.61 2.96 -8.23
N GLY A 154 -1.88 3.34 -7.20
CA GLY A 154 -2.21 4.53 -6.41
C GLY A 154 -1.89 5.84 -7.15
N LEU A 155 -2.03 6.94 -6.44
CA LEU A 155 -2.00 8.25 -7.06
C LEU A 155 -0.57 8.56 -7.56
N LEU A 156 -0.57 9.30 -8.68
CA LEU A 156 0.66 9.77 -9.35
C LEU A 156 1.08 11.10 -8.74
N ALA A 157 2.21 11.63 -9.19
CA ALA A 157 2.74 12.92 -8.68
C ALA A 157 1.70 14.02 -8.84
N ASN A 158 1.02 14.01 -9.99
CA ASN A 158 0.04 15.06 -10.29
C ASN A 158 -1.31 14.84 -9.64
N GLY A 159 -1.46 13.83 -8.76
CA GLY A 159 -2.70 13.56 -8.06
C GLY A 159 -3.73 12.83 -8.90
N ARG A 160 -3.43 12.45 -10.15
CA ARG A 160 -4.38 11.70 -11.01
C ARG A 160 -4.15 10.17 -10.75
N MET A 161 -5.03 9.30 -11.25
CA MET A 161 -4.81 7.81 -11.19
C MET A 161 -4.23 7.31 -12.49
N PRO A 162 -3.28 6.34 -12.46
CA PRO A 162 -2.71 5.77 -13.69
C PRO A 162 -3.69 4.81 -14.36
N THR A 163 -3.55 4.61 -15.66
CA THR A 163 -4.33 3.62 -16.38
C THR A 163 -3.89 2.19 -16.10
N VAL A 164 -2.58 2.01 -16.02
CA VAL A 164 -1.95 0.71 -15.83
C VAL A 164 -1.01 0.74 -14.64
N LEU A 165 -0.65 -0.46 -14.20
CA LEU A 165 0.17 -0.67 -13.04
C LEU A 165 1.52 0.10 -13.18
N GLN A 166 1.92 0.81 -12.13
CA GLN A 166 3.14 1.63 -12.11
C GLN A 166 4.22 0.97 -11.28
N CYS A 167 5.46 1.20 -11.71
CA CYS A 167 6.68 0.62 -11.11
C CYS A 167 7.65 1.75 -10.80
N VAL A 168 8.31 1.66 -9.66
CA VAL A 168 9.38 2.59 -9.32
C VAL A 168 10.41 1.93 -8.44
N ASN A 169 11.66 2.45 -8.49
CA ASN A 169 12.71 1.97 -7.63
C ASN A 169 13.05 2.98 -6.57
N VAL A 170 13.20 2.48 -5.36
CA VAL A 170 13.42 3.29 -4.20
C VAL A 170 14.53 2.56 -3.42
N SER A 171 15.37 3.34 -2.72
CA SER A 171 16.43 2.76 -1.91
C SER A 171 16.08 2.72 -0.43
N VAL A 172 16.43 1.61 0.23
CA VAL A 172 16.24 1.42 1.66
C VAL A 172 17.18 2.36 2.43
N VAL A 173 16.64 3.03 3.42
CA VAL A 173 17.40 3.83 4.36
C VAL A 173 17.56 3.12 5.70
N SER A 174 18.49 3.62 6.48
CA SER A 174 18.85 2.94 7.72
C SER A 174 17.72 3.17 8.75
N GLU A 175 17.70 2.28 9.75
CA GLU A 175 16.74 2.40 10.87
C GLU A 175 16.92 3.73 11.64
N GLU A 176 18.14 4.25 11.75
CA GLU A 176 18.42 5.58 12.37
C GLU A 176 17.74 6.68 11.60
N VAL A 177 17.75 6.62 10.26
CA VAL A 177 16.99 7.61 9.50
C VAL A 177 15.50 7.45 9.71
N CYS A 178 15.00 6.24 9.48
CA CYS A 178 13.58 5.91 9.71
C CYS A 178 13.06 6.35 11.09
N SER A 179 13.83 6.03 12.14
CA SER A 179 13.46 6.39 13.47
C SER A 179 13.41 7.93 13.71
N LYS A 180 14.41 8.67 13.22
CA LYS A 180 14.43 10.10 13.40
C LYS A 180 13.23 10.75 12.70
N LEU A 181 13.01 10.34 11.45
CA LEU A 181 11.99 10.94 10.65
C LEU A 181 10.59 10.59 11.09
N TYR A 182 10.39 9.43 11.71
CA TYR A 182 9.04 9.04 12.19
C TYR A 182 8.80 8.92 13.69
N ASP A 183 9.80 9.33 14.46
CA ASP A 183 9.70 9.40 15.92
C ASP A 183 8.40 10.15 16.32
N PRO A 184 7.56 9.61 17.22
CA PRO A 184 7.81 8.39 18.08
C PRO A 184 7.12 7.14 17.54
N LEU A 185 6.67 7.20 16.28
CA LEU A 185 5.86 6.21 15.63
C LEU A 185 6.72 5.02 15.10
N TYR A 186 8.04 5.19 14.97
CA TYR A 186 8.87 4.12 14.43
C TYR A 186 8.89 2.88 15.36
N HIS A 187 8.83 1.72 14.73
CA HIS A 187 8.70 0.45 15.39
C HIS A 187 9.43 -0.59 14.49
N PRO A 188 10.10 -1.60 15.08
CA PRO A 188 10.85 -2.61 14.28
C PRO A 188 10.06 -3.38 13.18
N SER A 189 8.73 -3.41 13.28
CA SER A 189 7.87 -3.94 12.24
C SER A 189 7.80 -3.05 10.99
N MET A 190 8.52 -1.92 10.98
CA MET A 190 8.54 -0.95 9.87
C MET A 190 9.96 -0.81 9.38
N PHE A 191 10.08 -0.38 8.13
CA PHE A 191 11.31 0.17 7.58
C PHE A 191 10.98 1.20 6.52
N CYS A 192 11.99 2.03 6.28
CA CYS A 192 11.85 3.18 5.40
C CYS A 192 12.59 2.94 4.09
N ALA A 193 11.96 3.33 2.99
CA ALA A 193 12.61 3.39 1.71
C ALA A 193 12.21 4.66 0.94
N GLY A 194 13.19 5.19 0.23
CA GLY A 194 12.98 6.29 -0.70
C GLY A 194 13.54 7.54 -0.05
N GLY A 195 12.82 8.63 -0.19
CA GLY A 195 13.28 9.88 0.44
C GLY A 195 14.34 10.59 -0.40
N GLY A 196 14.58 10.11 -1.62
CA GLY A 196 15.59 10.73 -2.47
C GLY A 196 15.16 12.11 -2.95
N HIS A 197 16.12 12.87 -3.42
CA HIS A 197 15.83 14.07 -4.20
C HIS A 197 14.99 13.87 -5.44
N ASP A 198 15.07 12.70 -6.08
CA ASP A 198 14.23 12.33 -7.23
C ASP A 198 12.73 12.17 -6.92
N GLN A 199 12.32 12.24 -5.64
CA GLN A 199 10.92 12.22 -5.22
C GLN A 199 10.16 10.91 -5.59
N LYS A 200 10.90 9.82 -5.72
CA LYS A 200 10.31 8.54 -5.98
C LYS A 200 9.73 7.98 -4.70
N ASP A 201 8.46 7.55 -4.76
CA ASP A 201 7.72 7.07 -3.56
C ASP A 201 6.55 6.22 -4.02
N SER A 202 5.96 5.48 -3.08
CA SER A 202 4.60 5.03 -3.23
C SER A 202 3.67 6.16 -2.68
N CYS A 203 2.36 5.95 -2.80
CA CYS A 203 1.39 6.95 -2.46
C CYS A 203 0.07 6.27 -2.09
N ASN A 204 -0.92 7.10 -1.80
CA ASN A 204 -2.22 6.61 -1.47
C ASN A 204 -2.81 5.78 -2.57
N GLY A 205 -3.46 4.69 -2.21
CA GLY A 205 -3.84 3.63 -3.17
C GLY A 205 -2.82 2.52 -3.40
N ASP A 206 -1.57 2.73 -2.97
CA ASP A 206 -0.50 1.78 -3.08
C ASP A 206 -0.42 0.86 -1.84
N SER A 207 -1.13 1.20 -0.75
CA SER A 207 -1.15 0.39 0.46
C SER A 207 -1.39 -1.07 0.14
N GLY A 208 -0.58 -1.89 0.78
CA GLY A 208 -0.66 -3.31 0.66
C GLY A 208 0.13 -3.94 -0.46
N GLY A 209 0.61 -3.14 -1.41
CA GLY A 209 1.38 -3.67 -2.52
C GLY A 209 2.83 -3.92 -2.17
N PRO A 210 3.59 -4.46 -3.11
CA PRO A 210 4.90 -5.06 -2.80
C PRO A 210 6.02 -4.07 -2.89
N LEU A 211 7.01 -4.28 -2.04
CA LEU A 211 8.36 -3.77 -2.20
C LEU A 211 9.27 -5.00 -2.31
N ILE A 212 9.94 -5.12 -3.45
CA ILE A 212 10.76 -6.27 -3.88
C ILE A 212 12.23 -5.85 -3.84
N CYS A 213 13.04 -6.58 -3.06
CA CYS A 213 14.45 -6.40 -3.02
C CYS A 213 15.08 -7.71 -3.48
N ASN A 214 15.87 -7.62 -4.53
CA ASN A 214 16.54 -8.78 -5.12
C ASN A 214 15.63 -9.97 -5.34
N GLY A 215 14.47 -9.73 -5.91
CA GLY A 215 13.53 -10.77 -6.21
C GLY A 215 12.64 -11.38 -5.10
N TYR A 216 12.85 -11.01 -3.84
CA TYR A 216 12.01 -11.44 -2.73
C TYR A 216 11.15 -10.31 -2.27
N LEU A 217 9.96 -10.64 -1.76
CA LEU A 217 9.07 -9.70 -1.19
C LEU A 217 9.59 -9.27 0.19
N GLN A 218 10.05 -8.02 0.21
CA GLN A 218 10.68 -7.42 1.41
C GLN A 218 9.71 -6.64 2.30
N GLY A 219 8.74 -6.01 1.68
CA GLY A 219 7.88 -5.09 2.38
C GLY A 219 6.50 -4.99 1.74
N LEU A 220 5.62 -4.31 2.42
CA LEU A 220 4.33 -3.92 1.87
C LEU A 220 4.23 -2.42 2.05
N VAL A 221 3.59 -1.74 1.10
CA VAL A 221 3.39 -0.32 1.29
C VAL A 221 2.47 -0.15 2.51
N SER A 222 2.82 0.71 3.46
CA SER A 222 2.07 0.89 4.67
C SER A 222 1.61 2.33 4.89
N PHE A 223 2.53 3.27 5.10
CA PHE A 223 2.13 4.66 5.40
C PHE A 223 3.20 5.64 4.99
N GLY A 224 2.87 6.92 5.03
CA GLY A 224 3.85 7.99 4.81
C GLY A 224 3.31 9.34 5.21
N LYS A 225 3.86 10.41 4.67
CA LYS A 225 3.40 11.77 5.02
C LYS A 225 2.70 12.38 3.80
N ALA A 226 2.06 13.52 4.01
CA ALA A 226 1.35 14.24 2.97
C ALA A 226 2.07 15.59 2.61
N PRO A 227 2.44 15.85 1.35
CA PRO A 227 2.25 14.94 0.22
C PRO A 227 3.23 13.78 0.20
N CYS A 228 2.93 12.83 -0.68
CA CYS A 228 3.86 11.79 -1.02
C CYS A 228 5.06 12.36 -1.80
N GLY A 229 6.14 11.60 -1.91
CA GLY A 229 7.35 12.01 -2.67
C GLY A 229 7.97 13.38 -2.25
N GLN A 230 7.92 13.66 -0.96
CA GLN A 230 8.67 14.77 -0.38
C GLN A 230 10.17 14.49 -0.40
N VAL A 231 10.95 15.48 -0.87
CA VAL A 231 12.42 15.38 -0.85
C VAL A 231 12.89 15.12 0.57
N GLY A 232 13.72 14.10 0.78
CA GLY A 232 14.20 13.82 2.13
C GLY A 232 13.30 12.97 3.01
N VAL A 233 12.07 12.62 2.57
CA VAL A 233 11.14 11.91 3.46
C VAL A 233 10.84 10.54 2.84
N PRO A 234 11.38 9.42 3.39
CA PRO A 234 11.03 8.12 2.82
C PRO A 234 9.63 7.66 3.19
N GLY A 235 9.09 6.75 2.37
CA GLY A 235 7.87 6.03 2.70
C GLY A 235 8.13 4.92 3.69
N VAL A 236 7.06 4.44 4.35
CA VAL A 236 7.18 3.40 5.35
C VAL A 236 6.52 2.13 4.89
N TYR A 237 7.20 1.02 5.14
CA TYR A 237 6.85 -0.31 4.62
C TYR A 237 6.77 -1.32 5.76
N THR A 238 5.89 -2.28 5.65
CA THR A 238 5.78 -3.32 6.63
C THR A 238 7.00 -4.20 6.53
N ASN A 239 7.70 -4.40 7.65
CA ASN A 239 8.98 -5.10 7.67
C ASN A 239 8.73 -6.59 7.78
N LEU A 240 8.47 -7.25 6.63
CA LEU A 240 8.04 -8.67 6.62
C LEU A 240 9.00 -9.69 7.22
N CYS A 241 10.30 -9.39 7.25
CA CYS A 241 11.28 -10.26 7.88
C CYS A 241 10.99 -10.48 9.37
N LYS A 242 10.21 -9.65 10.03
CA LYS A 242 9.87 -9.85 11.42
C LYS A 242 8.68 -10.75 11.58
N PHE A 243 8.03 -11.14 10.48
CA PHE A 243 6.77 -11.89 10.54
C PHE A 243 6.82 -13.27 9.91
N THR A 244 8.02 -13.78 9.61
CA THR A 244 8.17 -15.08 8.96
C THR A 244 7.42 -16.20 9.69
N GLU A 245 7.62 -16.31 11.00
CA GLU A 245 6.96 -17.33 11.86
C GLU A 245 5.44 -17.24 11.83
N TRP A 246 4.94 -16.01 11.97
CA TRP A 246 3.52 -15.80 11.99
C TRP A 246 2.93 -16.06 10.64
N ILE A 247 3.56 -15.60 9.56
CA ILE A 247 3.01 -15.89 8.24
C ILE A 247 2.90 -17.44 7.98
N GLU A 248 4.01 -18.13 8.22
CA GLU A 248 4.16 -19.58 8.00
C GLU A 248 3.18 -20.31 8.90
N LYS A 249 3.04 -19.90 10.15
CA LYS A 249 2.14 -20.63 11.07
C LYS A 249 0.71 -20.45 10.63
N THR A 250 0.39 -19.25 10.16
CA THR A 250 -0.95 -19.02 9.67
C THR A 250 -1.29 -19.82 8.40
N VAL A 251 -0.43 -19.75 7.39
CA VAL A 251 -0.72 -20.46 6.14
C VAL A 251 -0.70 -21.99 6.30
N GLN A 252 0.24 -22.50 7.06
CA GLN A 252 0.47 -23.95 7.22
C GLN A 252 -0.59 -24.62 8.11
N ALA A 253 -1.31 -23.88 8.93
CA ALA A 253 -2.34 -24.48 9.77
C ALA A 253 -3.58 -24.72 8.93
N THR B 11 -16.50 18.83 10.89
CA THR B 11 -16.69 17.40 10.54
C THR B 11 -15.49 16.47 10.93
N PRO B 12 -14.26 16.61 10.36
CA PRO B 12 -13.29 15.52 10.61
C PRO B 12 -12.73 15.47 12.05
N ASN B 13 -12.62 14.28 12.61
CA ASN B 13 -12.00 14.15 13.93
C ASN B 13 -10.55 13.75 13.72
N CYS B 14 -9.69 14.76 13.75
CA CYS B 14 -8.29 14.56 13.43
C CYS B 14 -7.51 13.90 14.61
N ARG B 15 -8.06 13.96 15.82
CA ARG B 15 -7.45 13.33 17.02
C ARG B 15 -7.35 11.80 16.92
N ARG B 16 -8.13 11.19 16.02
CA ARG B 16 -8.04 9.74 15.75
C ARG B 16 -6.85 9.36 14.84
N TYR B 17 -6.09 10.34 14.32
CA TYR B 17 -4.92 10.04 13.48
C TYR B 17 -3.66 10.54 14.11
N SER B 18 -2.53 9.99 13.67
CA SER B 18 -1.24 10.59 13.97
C SER B 18 -0.87 11.77 13.06
N ILE B 19 -0.24 12.79 13.64
CA ILE B 19 0.33 13.89 12.82
C ILE B 19 1.58 13.42 12.06
N HIS B 20 2.15 12.29 12.45
CA HIS B 20 3.44 11.82 11.88
C HIS B 20 3.34 10.85 10.68
N GLY B 21 2.15 10.31 10.42
CA GLY B 21 1.98 9.49 9.25
C GLY B 21 0.52 9.19 9.00
N CYS B 22 0.22 8.91 7.74
CA CYS B 22 -1.09 8.46 7.29
C CYS B 22 -0.92 7.20 6.46
N ASN B 23 -1.79 6.18 6.70
CA ASN B 23 -1.78 4.96 5.90
C ASN B 23 -2.09 5.30 4.46
N ARG B 24 -1.68 4.44 3.55
CA ARG B 24 -1.73 4.73 2.13
C ARG B 24 -2.88 4.01 1.41
N MET B 25 -3.99 3.82 2.14
CA MET B 25 -5.20 3.28 1.54
C MET B 25 -5.91 4.43 0.82
N TYR B 26 -6.55 4.14 -0.29
CA TYR B 26 -7.36 5.14 -1.01
C TYR B 26 -8.81 5.02 -0.52
N ALA B 27 -9.26 5.98 0.29
CA ALA B 27 -10.62 6.11 0.81
C ALA B 27 -11.03 7.58 0.74
N PRO B 28 -11.34 8.07 -0.48
CA PRO B 28 -11.41 9.52 -0.67
C PRO B 28 -12.56 10.26 0.05
N VAL B 29 -12.24 11.49 0.43
CA VAL B 29 -13.19 12.46 0.94
C VAL B 29 -13.09 13.81 0.23
N CYS B 30 -14.20 14.49 0.12
CA CYS B 30 -14.25 15.75 -0.61
C CYS B 30 -14.25 16.89 0.41
N GLY B 31 -13.26 17.76 0.35
CA GLY B 31 -13.12 18.82 1.31
C GLY B 31 -13.94 20.06 0.90
N SER B 32 -14.30 20.87 1.87
CA SER B 32 -14.99 22.17 1.63
C SER B 32 -14.09 23.14 0.81
N ASP B 33 -12.79 22.85 0.73
CA ASP B 33 -11.90 23.53 -0.15
C ASP B 33 -11.91 23.13 -1.59
N MET B 34 -12.80 22.23 -2.00
CA MET B 34 -12.93 21.77 -3.39
C MET B 34 -11.82 20.82 -3.85
N SER B 35 -11.08 20.24 -2.89
CA SER B 35 -10.06 19.27 -3.18
C SER B 35 -10.57 17.93 -2.70
N THR B 36 -10.34 16.89 -3.49
CA THR B 36 -10.58 15.52 -2.99
C THR B 36 -9.28 15.12 -2.24
N TYR B 37 -9.40 14.66 -0.99
CA TYR B 37 -8.29 14.13 -0.23
C TYR B 37 -8.28 12.60 -0.34
N ALA B 38 -7.09 12.01 -0.56
CA ALA B 38 -6.94 10.54 -0.68
C ALA B 38 -7.56 9.74 0.49
N ASN B 39 -7.52 10.30 1.67
CA ASN B 39 -8.19 9.76 2.81
C ASN B 39 -8.34 10.82 3.87
N GLU B 40 -9.11 10.54 4.91
CA GLU B 40 -9.40 11.54 5.93
C GLU B 40 -8.15 11.93 6.68
N CYS B 41 -7.23 11.00 6.89
CA CYS B 41 -6.00 11.30 7.57
C CYS B 41 -5.22 12.37 6.81
N THR B 42 -5.27 12.29 5.47
CA THR B 42 -4.54 13.23 4.59
C THR B 42 -5.14 14.64 4.64
N LEU B 43 -6.47 14.68 4.73
CA LEU B 43 -7.18 15.94 4.95
C LEU B 43 -6.69 16.56 6.23
N CYS B 44 -6.71 15.75 7.29
CA CYS B 44 -6.20 16.19 8.61
C CYS B 44 -4.76 16.76 8.59
N MET B 45 -3.86 16.10 7.86
CA MET B 45 -2.54 16.65 7.63
C MET B 45 -2.59 18.08 6.94
N LYS B 46 -3.37 18.23 5.90
CA LYS B 46 -3.57 19.54 5.25
C LYS B 46 -4.07 20.58 6.21
N ILE B 47 -4.99 20.21 7.09
CA ILE B 47 -5.52 21.14 8.11
C ILE B 47 -4.35 21.65 8.92
N ARG B 48 -3.51 20.72 9.34
CA ARG B 48 -2.37 21.04 10.20
C ARG B 48 -1.32 21.84 9.43
N GLU B 49 -0.92 21.41 8.23
CA GLU B 49 0.04 22.12 7.34
C GLU B 49 -0.43 23.54 6.99
N GLY B 50 -1.68 23.69 6.55
CA GLY B 50 -2.17 24.99 6.07
C GLY B 50 -2.72 25.94 7.15
N GLY B 51 -3.00 25.40 8.34
CA GLY B 51 -3.47 26.20 9.46
C GLY B 51 -4.94 26.60 9.41
N HIS B 52 -5.75 26.01 8.52
CA HIS B 52 -7.17 26.32 8.41
C HIS B 52 -7.98 25.06 8.48
N ASN B 53 -9.14 25.10 9.13
CA ASN B 53 -10.03 23.95 9.19
C ASN B 53 -10.64 23.70 7.82
N ILE B 54 -10.93 22.45 7.53
CA ILE B 54 -11.52 22.10 6.24
C ILE B 54 -12.56 21.05 6.58
N LYS B 55 -13.78 21.23 6.06
CA LYS B 55 -14.87 20.34 6.37
C LYS B 55 -14.96 19.30 5.29
N ILE B 56 -15.62 18.21 5.59
CA ILE B 56 -15.87 17.20 4.62
C ILE B 56 -17.30 17.37 4.10
N ILE B 57 -17.39 17.70 2.82
CA ILE B 57 -18.63 17.94 2.11
C ILE B 57 -19.32 16.60 1.91
N LYS B 58 -18.57 15.61 1.47
CA LYS B 58 -19.06 14.25 1.34
C LYS B 58 -17.96 13.20 1.26
N ASN B 59 -18.36 11.94 1.40
CA ASN B 59 -17.43 10.84 1.16
C ASN B 59 -17.31 10.63 -0.32
N GLY B 60 -16.17 10.11 -0.73
CA GLY B 60 -15.88 9.95 -2.13
C GLY B 60 -15.27 11.17 -2.74
N PRO B 61 -14.93 11.09 -4.05
CA PRO B 61 -14.27 12.22 -4.68
C PRO B 61 -15.22 13.41 -4.74
N CYS B 62 -14.68 14.61 -4.95
CA CYS B 62 -15.52 15.81 -5.14
C CYS B 62 -16.19 15.65 -6.52
N GLY B 63 -17.42 16.11 -6.68
CA GLY B 63 -18.04 16.23 -8.02
C GLY B 63 -17.43 17.38 -8.80
N ALA B 64 -17.85 17.57 -10.05
CA ALA B 64 -17.26 18.62 -10.92
C ALA B 64 -17.77 20.05 -10.65
N SER B 65 -19.06 20.29 -10.99
CA SER B 65 -19.75 21.63 -10.96
C SER B 65 -20.99 21.77 -11.91
C1 GOL C . 14.38 -5.85 -7.56
O1 GOL C . 14.57 -7.26 -7.34
C2 GOL C . 15.57 -4.98 -7.08
O2 GOL C . 15.93 -5.17 -5.70
C3 GOL C . 16.81 -5.25 -7.88
O3 GOL C . 17.62 -4.09 -8.02
#